data_6A1P
#
_entry.id   6A1P
#
_cell.length_a   137.975
_cell.length_b   137.975
_cell.length_c   111.068
_cell.angle_alpha   90.00
_cell.angle_beta   90.00
_cell.angle_gamma   90.00
#
_symmetry.space_group_name_H-M   'I 4 2 2'
#
loop_
_entity.id
_entity.type
_entity.pdbx_description
1 polymer '4-hydroxymandelate oxidase'
2 non-polymer 1-deoxy-1-(7,8-dimethyl-2,4-dioxo-3,4-dihydropyrimido[4,5-b]quinolin-10(2H)-yl)-5-O-phosphono-D-ribitol
3 non-polymer 'MAGNESIUM ION'
4 non-polymer '3-PHENYLPYRUVIC ACID'
5 water water
#
_entity_poly.entity_id   1
_entity_poly.type   'polypeptide(L)'
_entity_poly.pdbx_seq_one_letter_code
;MGSSHHHHHHSSGLVPRGSHMTYVSLADLERAARDVLPGEIFDFLAGGSGTEASLVANRTALERVFVIPRMLRDLTDVTT
EIDIFGRRAALPMAVAPVAYQRLFHPEGELAVARAARDAGVPYTICTLSSVSLEEIAAVGGRPWFQLFWLRDEKRSLDLV
RRAEDAGCEAIVFTVDVPWMGRRLRDMRNGFALPEWVTAANFDAGTAAHRRTQGVSAVADHTAREFAPATWESVEAVRAH
TDLPVVLKGILAVEDARRAVDAGAGGIVVSNHGGRQLDGAVPGIEMLGEIVAAVSGGCEVLVDGGIRSGGDVLKATALGA
SAVLVGRPVMWALAAAGQDGVRQLLELLAEEVRDAMGLAGCESVGAARRLNTKLGVV
;
_entity_poly.pdbx_strand_id   A
#
# COMPACT_ATOMS: atom_id res chain seq x y z
N TYR A 23 22.86 -1.03 0.41
CA TYR A 23 21.70 -1.73 1.00
C TYR A 23 21.46 -3.05 0.30
N VAL A 24 21.45 -4.16 1.04
CA VAL A 24 21.19 -5.45 0.39
C VAL A 24 19.86 -6.04 0.83
N SER A 25 19.15 -5.38 1.73
CA SER A 25 17.81 -5.80 2.15
C SER A 25 17.05 -4.56 2.60
N LEU A 26 15.72 -4.69 2.68
CA LEU A 26 14.95 -3.57 3.21
C LEU A 26 15.28 -3.33 4.67
N ALA A 27 15.75 -4.35 5.39
CA ALA A 27 16.10 -4.17 6.79
C ALA A 27 17.30 -3.26 6.98
N ASP A 28 18.23 -3.25 6.01
CA ASP A 28 19.31 -2.27 6.04
C ASP A 28 18.74 -0.85 6.11
N LEU A 29 17.68 -0.60 5.34
CA LEU A 29 17.14 0.77 5.31
C LEU A 29 16.45 1.11 6.64
N GLU A 30 15.78 0.14 7.25
CA GLU A 30 15.19 0.41 8.55
C GLU A 30 16.25 0.86 9.54
N ARG A 31 17.41 0.19 9.54
CA ARG A 31 18.46 0.58 10.46
C ARG A 31 18.95 1.99 10.15
N ALA A 32 19.12 2.30 8.85
CA ALA A 32 19.57 3.64 8.49
C ALA A 32 18.55 4.71 8.90
N ALA A 33 17.24 4.42 8.77
CA ALA A 33 16.27 5.45 9.13
C ALA A 33 16.19 5.65 10.64
N ARG A 34 16.36 4.58 11.42
CA ARG A 34 16.35 4.72 12.87
C ARG A 34 17.51 5.61 13.34
N ASP A 35 18.66 5.48 12.68
CA ASP A 35 19.80 6.33 13.02
C ASP A 35 19.49 7.81 12.81
N VAL A 36 18.87 8.16 11.68
CA VAL A 36 18.74 9.57 11.31
C VAL A 36 17.50 10.22 11.93
N LEU A 37 16.36 9.51 12.07
CA LEU A 37 15.16 10.23 12.45
C LEU A 37 15.09 10.50 13.95
N PRO A 38 14.49 11.60 14.35
CA PRO A 38 14.18 11.80 15.77
C PRO A 38 13.31 10.67 16.28
N GLY A 39 13.56 10.26 17.53
CA GLY A 39 12.87 9.11 18.08
C GLY A 39 11.35 9.17 17.94
N GLU A 40 10.76 10.35 18.19
CA GLU A 40 9.30 10.42 18.16
C GLU A 40 8.76 10.35 16.74
N ILE A 41 9.56 10.78 15.76
CA ILE A 41 9.13 10.61 14.37
C ILE A 41 9.30 9.17 13.92
N PHE A 42 10.41 8.51 14.32
CA PHE A 42 10.52 7.08 14.04
C PHE A 42 9.36 6.33 14.67
N ASP A 43 8.95 6.72 15.89
CA ASP A 43 7.84 6.01 16.55
C ASP A 43 6.52 6.27 15.84
N PHE A 44 6.26 7.51 15.38
CA PHE A 44 5.08 7.79 14.58
C PHE A 44 5.03 6.87 13.36
N LEU A 45 6.17 6.72 12.68
CA LEU A 45 6.24 5.86 11.50
C LEU A 45 6.10 4.38 11.87
N ALA A 46 6.85 3.90 12.85
CA ALA A 46 6.92 2.45 13.13
C ALA A 46 5.71 1.91 13.89
N GLY A 47 5.08 2.74 14.71
CA GLY A 47 4.12 2.24 15.67
C GLY A 47 2.82 1.73 15.08
N GLY A 48 2.13 0.99 15.95
CA GLY A 48 0.74 0.60 15.69
C GLY A 48 -0.18 1.02 16.80
N SER A 49 -1.42 0.54 16.77
CA SER A 49 -2.36 0.85 17.84
C SER A 49 -2.25 -0.16 18.99
N GLY A 50 -2.68 0.32 20.16
CA GLY A 50 -2.83 -0.59 21.29
C GLY A 50 -1.55 -1.31 21.65
N THR A 51 -1.66 -2.65 21.79
CA THR A 51 -0.52 -3.48 22.14
C THR A 51 0.35 -3.81 20.95
N GLU A 52 -0.01 -3.30 19.77
CA GLU A 52 0.72 -3.59 18.52
C GLU A 52 0.63 -5.06 18.13
N ALA A 53 -0.44 -5.74 18.57
CA ALA A 53 -0.63 -7.13 18.17
C ALA A 53 -0.77 -7.29 16.67
N SER A 54 -1.47 -6.34 16.01
CA SER A 54 -1.70 -6.51 14.58
C SER A 54 -0.47 -6.10 13.79
N LEU A 55 0.29 -5.14 14.33
CA LEU A 55 1.57 -4.77 13.71
C LEU A 55 2.53 -5.96 13.65
N VAL A 56 2.67 -6.66 14.77
CA VAL A 56 3.53 -7.84 14.83
C VAL A 56 2.96 -8.96 13.97
N ALA A 57 1.62 -9.16 14.03
CA ALA A 57 1.04 -10.28 13.29
C ALA A 57 1.19 -10.11 11.78
N ASN A 58 1.26 -8.88 11.27
CA ASN A 58 1.51 -8.72 9.84
C ASN A 58 2.82 -9.39 9.43
N ARG A 59 3.84 -9.25 10.28
CA ARG A 59 5.10 -9.93 9.99
C ARG A 59 5.05 -11.41 10.28
N THR A 60 4.44 -11.82 11.41
CA THR A 60 4.31 -13.25 11.71
C THR A 60 3.64 -13.99 10.58
N ALA A 61 2.58 -13.40 10.02
CA ALA A 61 1.82 -14.07 9.00
C ALA A 61 2.67 -14.32 7.77
N LEU A 62 3.44 -13.32 7.32
CA LEU A 62 4.24 -13.54 6.11
C LEU A 62 5.34 -14.56 6.37
N GLU A 63 5.88 -14.56 7.59
CA GLU A 63 6.98 -15.49 7.89
C GLU A 63 6.50 -16.93 7.98
N ARG A 64 5.22 -17.17 8.17
CA ARG A 64 4.67 -18.53 8.23
C ARG A 64 4.40 -19.08 6.84
N VAL A 65 4.35 -18.25 5.80
CA VAL A 65 4.02 -18.70 4.47
C VAL A 65 5.30 -19.20 3.80
N PHE A 66 5.26 -20.40 3.26
CA PHE A 66 6.33 -20.92 2.41
C PHE A 66 5.79 -21.19 1.02
N VAL A 67 6.62 -20.89 0.00
CA VAL A 67 6.21 -21.09 -1.38
C VAL A 67 6.64 -22.47 -1.84
N ILE A 68 5.84 -23.11 -2.70
CA ILE A 68 6.22 -24.36 -3.37
C ILE A 68 6.65 -23.94 -4.78
N PRO A 69 7.94 -23.79 -5.03
CA PRO A 69 8.38 -23.31 -6.35
C PRO A 69 8.27 -24.37 -7.43
N ARG A 70 8.16 -23.90 -8.66
CA ARG A 70 8.19 -24.77 -9.82
C ARG A 70 9.54 -24.68 -10.49
N MET A 71 9.91 -25.79 -11.14
CA MET A 71 11.22 -25.86 -11.79
C MET A 71 11.08 -26.05 -13.28
N LEU A 72 12.18 -25.73 -13.99
CA LEU A 72 12.39 -26.16 -15.38
C LEU A 72 11.42 -25.50 -16.36
N ARG A 73 10.92 -24.32 -16.00
CA ARG A 73 10.06 -23.56 -16.89
C ARG A 73 10.89 -22.54 -17.64
N ASP A 74 10.36 -22.13 -18.78
CA ASP A 74 11.05 -21.15 -19.61
C ASP A 74 11.09 -19.79 -18.91
N LEU A 75 12.27 -19.27 -18.70
CA LEU A 75 12.50 -17.98 -18.07
C LEU A 75 13.22 -17.04 -19.02
N THR A 76 13.03 -17.27 -20.33
CA THR A 76 13.72 -16.46 -21.33
C THR A 76 13.39 -15.00 -21.15
N ASP A 77 12.12 -14.71 -20.84
CA ASP A 77 11.63 -13.34 -20.82
C ASP A 77 10.88 -13.05 -19.51
N VAL A 78 11.54 -13.31 -18.38
CA VAL A 78 10.91 -13.03 -17.08
C VAL A 78 10.57 -11.55 -17.02
N THR A 79 9.34 -11.25 -16.63
CA THR A 79 8.91 -9.86 -16.50
C THR A 79 8.11 -9.73 -15.22
N THR A 80 8.38 -8.65 -14.48
CA THR A 80 7.64 -8.35 -13.26
C THR A 80 6.49 -7.40 -13.50
N GLU A 81 6.23 -7.04 -14.78
CA GLU A 81 5.20 -6.05 -15.09
C GLU A 81 3.79 -6.60 -14.88
N ILE A 82 2.87 -5.69 -14.59
CA ILE A 82 1.46 -6.00 -14.50
C ILE A 82 0.70 -4.88 -15.19
N ASP A 83 -0.54 -5.17 -15.53
CA ASP A 83 -1.50 -4.14 -15.92
C ASP A 83 -2.52 -4.01 -14.80
N ILE A 84 -2.75 -2.77 -14.38
CA ILE A 84 -3.73 -2.57 -13.33
C ILE A 84 -4.40 -1.23 -13.56
N PHE A 85 -5.74 -1.20 -13.47
CA PHE A 85 -6.54 -0.02 -13.79
C PHE A 85 -6.12 0.55 -15.15
N GLY A 86 -5.98 -0.34 -16.13
CA GLY A 86 -5.77 0.01 -17.52
C GLY A 86 -4.35 0.33 -17.95
N ARG A 87 -3.40 0.46 -17.01
CA ARG A 87 -2.06 0.88 -17.36
C ARG A 87 -1.02 -0.09 -16.80
N ARG A 88 0.09 -0.12 -17.48
CA ARG A 88 1.22 -0.95 -17.06
C ARG A 88 1.92 -0.39 -15.84
N ALA A 89 2.33 -1.26 -14.93
CA ALA A 89 3.22 -0.92 -13.83
C ALA A 89 4.43 -1.86 -13.92
N ALA A 90 5.62 -1.38 -13.49
CA ALA A 90 6.84 -2.15 -13.69
C ALA A 90 6.97 -3.33 -12.74
N LEU A 91 6.23 -3.31 -11.63
CA LEU A 91 6.26 -4.29 -10.56
C LEU A 91 4.85 -4.42 -10.06
N PRO A 92 4.52 -5.52 -9.39
CA PRO A 92 3.17 -5.65 -8.81
C PRO A 92 3.12 -4.95 -7.45
N MET A 93 3.36 -3.64 -7.47
CA MET A 93 3.50 -2.89 -6.23
CA MET A 93 3.54 -2.89 -6.23
C MET A 93 3.21 -1.43 -6.49
N ALA A 94 2.65 -0.78 -5.48
CA ALA A 94 2.50 0.67 -5.47
C ALA A 94 2.96 1.19 -4.11
N VAL A 95 3.31 2.47 -4.03
CA VAL A 95 3.64 3.11 -2.76
C VAL A 95 2.35 3.36 -1.98
N ALA A 96 2.24 2.81 -0.76
CA ALA A 96 1.04 2.99 0.06
C ALA A 96 0.88 4.46 0.41
N PRO A 97 -0.35 4.88 0.67
CA PRO A 97 -0.58 6.24 1.23
C PRO A 97 -0.02 6.34 2.63
N VAL A 98 0.94 7.24 2.83
CA VAL A 98 1.51 7.52 4.15
C VAL A 98 1.48 9.03 4.32
N ALA A 99 0.78 9.51 5.36
CA ALA A 99 0.55 10.95 5.53
C ALA A 99 1.86 11.69 5.87
N TYR A 100 1.91 13.00 5.52
CA TYR A 100 2.90 13.94 6.10
C TYR A 100 4.37 13.53 5.85
N GLN A 101 4.71 13.29 4.58
CA GLN A 101 6.04 12.75 4.30
C GLN A 101 7.17 13.74 4.55
N ARG A 102 6.84 15.04 4.66
CA ARG A 102 7.87 16.00 5.06
C ARG A 102 8.35 15.76 6.47
N LEU A 103 7.64 14.92 7.26
CA LEU A 103 8.21 14.55 8.54
C LEU A 103 9.54 13.83 8.39
N PHE A 104 9.75 13.14 7.26
CA PHE A 104 10.86 12.21 7.11
C PHE A 104 12.02 12.77 6.32
N HIS A 105 11.76 13.77 5.49
CA HIS A 105 12.75 14.38 4.61
C HIS A 105 12.19 15.70 4.12
N PRO A 106 13.01 16.74 3.96
CA PRO A 106 12.47 18.04 3.50
C PRO A 106 11.75 18.00 2.16
N GLU A 107 12.13 17.11 1.24
CA GLU A 107 11.43 17.05 -0.04
C GLU A 107 10.16 16.22 0.05
N GLY A 108 9.98 15.46 1.15
CA GLY A 108 8.69 14.77 1.40
C GLY A 108 8.16 14.03 0.18
N GLU A 109 6.89 14.28 -0.10
CA GLU A 109 6.17 13.56 -1.14
C GLU A 109 6.80 13.75 -2.50
N LEU A 110 7.40 14.91 -2.79
CA LEU A 110 7.94 15.06 -4.13
C LEU A 110 9.11 14.10 -4.39
N ALA A 111 9.97 13.88 -3.39
CA ALA A 111 11.08 12.95 -3.53
C ALA A 111 10.55 11.54 -3.77
N VAL A 112 9.53 11.14 -3.02
CA VAL A 112 9.01 9.78 -3.17
C VAL A 112 8.34 9.61 -4.51
N ALA A 113 7.53 10.60 -4.93
CA ALA A 113 6.78 10.47 -6.17
C ALA A 113 7.74 10.48 -7.38
N ARG A 114 8.82 11.27 -7.31
CA ARG A 114 9.81 11.26 -8.39
C ARG A 114 10.45 9.89 -8.55
N ALA A 115 10.86 9.29 -7.42
CA ALA A 115 11.49 7.96 -7.46
C ALA A 115 10.50 6.90 -7.94
N ALA A 116 9.24 6.97 -7.47
CA ALA A 116 8.23 6.02 -7.93
C ALA A 116 7.99 6.12 -9.41
N ARG A 117 7.83 7.36 -9.91
CA ARG A 117 7.70 7.59 -11.33
C ARG A 117 8.84 6.95 -12.11
N ASP A 118 10.07 7.21 -11.64
CA ASP A 118 11.24 6.74 -12.40
C ASP A 118 11.33 5.22 -12.38
N ALA A 119 10.78 4.59 -11.34
CA ALA A 119 10.79 3.13 -11.19
C ALA A 119 9.59 2.47 -11.87
N GLY A 120 8.64 3.25 -12.35
CA GLY A 120 7.49 2.68 -12.98
C GLY A 120 6.49 2.12 -11.97
N VAL A 121 6.43 2.68 -10.79
CA VAL A 121 5.58 2.20 -9.68
CA VAL A 121 5.42 2.15 -9.88
C VAL A 121 4.52 3.27 -9.42
N PRO A 122 3.23 2.95 -9.29
CA PRO A 122 2.27 3.97 -8.90
C PRO A 122 2.54 4.50 -7.51
N TYR A 123 2.21 5.77 -7.31
CA TYR A 123 2.41 6.46 -6.03
C TYR A 123 1.04 6.91 -5.54
N THR A 124 0.66 6.51 -4.31
CA THR A 124 -0.62 6.97 -3.75
C THR A 124 -0.47 8.29 -3.01
N ILE A 125 -1.05 9.37 -3.56
CA ILE A 125 -1.06 10.67 -2.88
C ILE A 125 -2.07 10.65 -1.74
N CYS A 126 -1.67 11.15 -0.60
N CYS A 126 -1.65 11.10 -0.56
CA CYS A 126 -2.55 11.17 0.57
CA CYS A 126 -2.48 11.03 0.66
C CYS A 126 -3.46 12.38 0.60
C CYS A 126 -3.31 12.30 0.84
N THR A 127 -4.64 12.16 1.17
CA THR A 127 -5.45 13.32 1.59
C THR A 127 -4.69 14.21 2.57
N LEU A 128 -3.91 13.62 3.50
CA LEU A 128 -3.10 14.38 4.45
C LEU A 128 -1.64 14.46 4.00
N SER A 129 -1.43 14.76 2.72
CA SER A 129 -0.08 15.00 2.21
C SER A 129 0.43 16.37 2.67
N SER A 130 1.75 16.44 2.89
CA SER A 130 2.38 17.71 3.29
C SER A 130 2.82 18.55 2.11
N VAL A 131 2.56 18.09 0.90
CA VAL A 131 2.69 18.87 -0.34
C VAL A 131 1.37 18.69 -1.07
N SER A 132 0.88 19.73 -1.75
CA SER A 132 -0.43 19.63 -2.35
C SER A 132 -0.53 18.52 -3.41
N LEU A 133 -1.73 17.96 -3.54
CA LEU A 133 -1.89 16.87 -4.48
C LEU A 133 -1.57 17.30 -5.91
N GLU A 134 -1.84 18.59 -6.28
CA GLU A 134 -1.56 19.01 -7.63
C GLU A 134 -0.08 19.08 -7.91
N GLU A 135 0.70 19.54 -6.93
CA GLU A 135 2.16 19.51 -7.06
C GLU A 135 2.67 18.09 -7.22
N ILE A 136 2.15 17.15 -6.40
CA ILE A 136 2.68 15.81 -6.51
C ILE A 136 2.29 15.19 -7.83
N ALA A 137 1.04 15.39 -8.29
CA ALA A 137 0.62 14.84 -9.58
C ALA A 137 1.44 15.41 -10.73
N ALA A 138 1.89 16.67 -10.59
CA ALA A 138 2.68 17.27 -11.65
C ALA A 138 4.03 16.61 -11.83
N VAL A 139 4.52 15.88 -10.83
CA VAL A 139 5.73 15.06 -11.01
C VAL A 139 5.56 14.08 -12.16
N GLY A 140 4.34 13.61 -12.40
CA GLY A 140 4.12 12.69 -13.50
C GLY A 140 3.96 11.29 -12.95
N GLY A 141 4.32 10.31 -13.75
CA GLY A 141 4.18 8.91 -13.28
C GLY A 141 2.74 8.48 -13.30
N ARG A 142 2.41 7.61 -12.33
CA ARG A 142 1.04 7.10 -12.19
C ARG A 142 0.49 7.45 -10.81
N PRO A 143 0.04 8.69 -10.60
CA PRO A 143 -0.43 9.06 -9.25
C PRO A 143 -1.84 8.50 -9.03
N TRP A 144 -2.01 7.85 -7.88
CA TRP A 144 -3.33 7.54 -7.34
C TRP A 144 -3.63 8.52 -6.24
N PHE A 145 -4.90 8.63 -5.81
CA PHE A 145 -5.23 9.54 -4.75
C PHE A 145 -5.99 8.80 -3.64
N GLN A 146 -5.51 8.90 -2.41
CA GLN A 146 -6.16 8.25 -1.26
C GLN A 146 -7.09 9.26 -0.63
N LEU A 147 -8.37 8.88 -0.50
CA LEU A 147 -9.39 9.74 0.06
C LEU A 147 -9.71 9.36 1.51
N PHE A 148 -9.81 10.36 2.38
CA PHE A 148 -10.56 10.26 3.64
C PHE A 148 -11.85 11.01 3.46
N TRP A 149 -12.92 10.41 3.93
CA TRP A 149 -14.22 11.07 3.91
C TRP A 149 -14.25 12.27 4.85
N LEU A 150 -14.71 13.40 4.31
CA LEU A 150 -14.88 14.62 5.10
C LEU A 150 -16.31 14.65 5.65
N ARG A 151 -16.48 15.16 6.86
CA ARG A 151 -17.85 15.56 7.22
C ARG A 151 -18.24 16.65 6.22
N ASP A 152 -19.11 16.29 5.27
CA ASP A 152 -19.56 17.07 4.12
C ASP A 152 -19.37 16.25 2.84
N GLU A 153 -20.44 15.64 2.33
CA GLU A 153 -20.35 14.97 1.04
C GLU A 153 -19.80 15.90 -0.04
N LYS A 154 -20.25 17.15 -0.07
CA LYS A 154 -19.83 18.06 -1.14
C LYS A 154 -18.33 18.30 -1.10
N ARG A 155 -17.77 18.52 0.08
CA ARG A 155 -16.31 18.71 0.14
C ARG A 155 -15.57 17.43 -0.23
N SER A 156 -16.09 16.27 0.19
CA SER A 156 -15.39 15.04 -0.15
C SER A 156 -15.29 14.88 -1.64
N LEU A 157 -16.39 15.16 -2.33
CA LEU A 157 -16.46 14.96 -3.75
C LEU A 157 -15.63 16.00 -4.47
N ASP A 158 -15.47 17.20 -3.89
CA ASP A 158 -14.60 18.19 -4.51
C ASP A 158 -13.14 17.75 -4.47
N LEU A 159 -12.76 17.08 -3.39
CA LEU A 159 -11.42 16.55 -3.29
C LEU A 159 -11.19 15.45 -4.32
N VAL A 160 -12.19 14.58 -4.50
CA VAL A 160 -12.12 13.59 -5.57
C VAL A 160 -11.98 14.28 -6.91
N ARG A 161 -12.78 15.33 -7.15
CA ARG A 161 -12.69 16.05 -8.43
C ARG A 161 -11.33 16.72 -8.61
N ARG A 162 -10.76 17.32 -7.55
CA ARG A 162 -9.40 17.86 -7.67
C ARG A 162 -8.44 16.78 -8.12
N ALA A 163 -8.49 15.61 -7.47
CA ALA A 163 -7.56 14.56 -7.83
C ALA A 163 -7.72 14.17 -9.27
N GLU A 164 -8.99 14.01 -9.72
CA GLU A 164 -9.23 13.62 -11.10
C GLU A 164 -8.73 14.71 -12.06
N ASP A 165 -9.02 15.96 -11.76
CA ASP A 165 -8.59 17.06 -12.63
C ASP A 165 -7.08 17.11 -12.74
N ALA A 166 -6.39 16.71 -11.68
CA ALA A 166 -4.93 16.74 -11.66
C ALA A 166 -4.29 15.53 -12.31
N GLY A 167 -5.09 14.58 -12.81
CA GLY A 167 -4.57 13.41 -13.48
C GLY A 167 -4.35 12.18 -12.64
N CYS A 168 -4.92 12.11 -11.43
CA CYS A 168 -4.77 10.87 -10.68
C CYS A 168 -5.61 9.81 -11.37
N GLU A 169 -5.18 8.54 -11.25
CA GLU A 169 -5.74 7.46 -12.07
C GLU A 169 -6.71 6.58 -11.29
N ALA A 170 -6.73 6.70 -9.98
CA ALA A 170 -7.59 5.85 -9.17
C ALA A 170 -7.85 6.59 -7.87
N ILE A 171 -9.01 6.31 -7.25
CA ILE A 171 -9.34 6.86 -5.95
C ILE A 171 -9.24 5.72 -4.97
N VAL A 172 -8.29 5.81 -4.05
CA VAL A 172 -8.09 4.79 -3.01
C VAL A 172 -8.85 5.31 -1.78
N PHE A 173 -10.07 4.80 -1.59
CA PHE A 173 -10.95 5.30 -0.52
C PHE A 173 -10.61 4.48 0.73
N THR A 174 -10.01 5.12 1.73
CA THR A 174 -9.68 4.43 2.97
C THR A 174 -10.96 4.24 3.77
N VAL A 175 -11.27 2.98 4.10
CA VAL A 175 -12.56 2.68 4.72
C VAL A 175 -12.42 2.15 6.12
N ASP A 176 -11.20 2.13 6.68
CA ASP A 176 -10.98 1.55 8.01
C ASP A 176 -10.65 2.62 9.05
N VAL A 177 -10.98 3.89 8.77
CA VAL A 177 -10.69 4.99 9.70
C VAL A 177 -11.97 5.76 9.96
N PRO A 178 -12.97 5.19 10.67
CA PRO A 178 -14.03 6.07 11.19
C PRO A 178 -13.47 7.11 12.12
N TRP A 179 -12.37 6.79 12.80
CA TRP A 179 -11.51 7.69 13.55
C TRP A 179 -10.15 7.03 13.64
N MET A 180 -9.15 7.79 14.08
CA MET A 180 -7.80 7.24 14.27
C MET A 180 -7.74 6.26 15.44
N GLY A 181 -6.99 5.17 15.26
CA GLY A 181 -6.75 4.26 16.36
C GLY A 181 -5.91 4.86 17.48
N ARG A 182 -5.76 4.10 18.56
CA ARG A 182 -5.08 4.58 19.77
C ARG A 182 -3.58 4.30 19.63
N ARG A 183 -2.80 5.33 19.27
CA ARG A 183 -1.37 5.17 19.01
C ARG A 183 -0.61 5.42 20.29
N LEU A 184 -0.36 4.35 21.05
CA LEU A 184 0.17 4.56 22.41
C LEU A 184 1.60 5.13 22.39
N ARG A 185 2.42 4.80 21.37
CA ARG A 185 3.72 5.47 21.27
C ARG A 185 3.57 6.96 21.15
N ASP A 186 2.63 7.41 20.31
CA ASP A 186 2.42 8.84 20.11
C ASP A 186 1.93 9.49 21.38
N MET A 187 1.00 8.83 22.09
CA MET A 187 0.51 9.38 23.35
C MET A 187 1.63 9.49 24.36
N ARG A 188 2.44 8.46 24.47
CA ARG A 188 3.53 8.46 25.46
C ARG A 188 4.60 9.48 25.09
N ASN A 189 4.85 9.67 23.80
CA ASN A 189 5.82 10.66 23.34
C ASN A 189 5.27 12.07 23.32
N GLY A 190 3.97 12.26 23.55
CA GLY A 190 3.33 13.55 23.29
C GLY A 190 3.56 14.06 21.88
N PHE A 191 3.47 13.18 20.89
CA PHE A 191 3.88 13.55 19.54
C PHE A 191 2.86 14.47 18.88
N ALA A 192 3.34 15.54 18.25
CA ALA A 192 2.50 16.42 17.46
C ALA A 192 3.27 16.84 16.21
N LEU A 193 2.51 17.25 15.19
CA LEU A 193 3.14 17.69 13.95
C LEU A 193 3.98 18.93 14.22
N PRO A 194 5.21 18.98 13.74
CA PRO A 194 5.97 20.24 13.78
C PRO A 194 5.21 21.34 13.08
N GLU A 195 5.49 22.59 13.47
CA GLU A 195 4.80 23.70 12.85
C GLU A 195 5.08 23.76 11.35
N TRP A 196 6.23 23.23 10.91
CA TRP A 196 6.64 23.26 9.51
C TRP A 196 6.07 22.13 8.68
N VAL A 197 5.23 21.25 9.25
CA VAL A 197 4.52 20.24 8.48
C VAL A 197 3.04 20.54 8.57
N THR A 198 2.37 20.67 7.42
CA THR A 198 0.93 20.89 7.43
C THR A 198 0.24 19.97 6.41
N ALA A 199 -1.09 19.90 6.53
CA ALA A 199 -1.98 19.22 5.57
C ALA A 199 -2.17 20.16 4.40
N ALA A 200 -1.29 20.01 3.41
CA ALA A 200 -1.21 20.98 2.32
C ALA A 200 -2.41 20.99 1.38
N ASN A 201 -3.30 19.98 1.44
CA ASN A 201 -4.48 20.00 0.61
C ASN A 201 -5.59 20.86 1.19
N PHE A 202 -5.38 21.42 2.37
CA PHE A 202 -6.45 22.19 3.08
C PHE A 202 -6.05 23.63 3.36
N PHE A 226 -13.51 15.58 9.27
CA PHE A 226 -13.54 14.17 8.86
C PHE A 226 -14.68 13.42 9.57
N ALA A 227 -15.31 12.51 8.85
CA ALA A 227 -16.43 11.73 9.35
C ALA A 227 -16.30 10.28 8.93
N PRO A 228 -16.95 9.37 9.64
CA PRO A 228 -16.91 7.97 9.23
C PRO A 228 -17.59 7.76 7.88
N ALA A 229 -16.94 7.01 7.01
CA ALA A 229 -17.52 6.63 5.74
C ALA A 229 -18.48 5.45 5.86
N THR A 230 -19.48 5.41 4.98
CA THR A 230 -20.42 4.29 4.87
C THR A 230 -20.52 3.83 3.41
N TRP A 231 -21.26 2.76 3.17
CA TRP A 231 -21.51 2.34 1.80
C TRP A 231 -22.19 3.43 0.98
N GLU A 232 -22.99 4.28 1.62
CA GLU A 232 -23.55 5.41 0.89
CA GLU A 232 -23.55 5.44 0.93
C GLU A 232 -22.44 6.36 0.43
N SER A 233 -21.39 6.53 1.24
CA SER A 233 -20.27 7.39 0.82
C SER A 233 -19.57 6.81 -0.38
N VAL A 234 -19.37 5.49 -0.39
CA VAL A 234 -18.77 4.80 -1.55
C VAL A 234 -19.59 5.05 -2.80
N GLU A 235 -20.92 4.95 -2.69
CA GLU A 235 -21.75 5.16 -3.87
C GLU A 235 -21.64 6.59 -4.35
N ALA A 236 -21.55 7.56 -3.42
CA ALA A 236 -21.43 8.95 -3.83
C ALA A 236 -20.13 9.17 -4.59
N VAL A 237 -19.05 8.54 -4.16
CA VAL A 237 -17.77 8.66 -4.87
C VAL A 237 -17.85 7.97 -6.22
N ARG A 238 -18.40 6.76 -6.27
CA ARG A 238 -18.47 6.00 -7.51
C ARG A 238 -19.28 6.75 -8.57
N ALA A 239 -20.33 7.45 -8.16
CA ALA A 239 -21.16 8.23 -9.08
C ALA A 239 -20.48 9.52 -9.53
N HIS A 240 -19.52 10.01 -8.76
CA HIS A 240 -18.87 11.29 -9.01
C HIS A 240 -17.69 11.22 -9.96
N THR A 241 -17.17 10.02 -10.22
CA THR A 241 -15.95 9.88 -10.97
C THR A 241 -16.01 8.65 -11.85
N ASP A 242 -15.37 8.73 -13.02
CA ASP A 242 -15.18 7.53 -13.82
C ASP A 242 -13.90 6.77 -13.45
N LEU A 243 -13.08 7.34 -12.57
CA LEU A 243 -11.87 6.64 -12.11
C LEU A 243 -12.27 5.40 -11.31
N PRO A 244 -11.45 4.37 -11.35
CA PRO A 244 -11.72 3.23 -10.47
C PRO A 244 -11.61 3.62 -9.03
N VAL A 245 -12.57 3.14 -8.23
CA VAL A 245 -12.61 3.38 -6.79
C VAL A 245 -12.13 2.10 -6.12
N VAL A 246 -11.13 2.25 -5.27
CA VAL A 246 -10.46 1.11 -4.65
C VAL A 246 -10.67 1.25 -3.15
N LEU A 247 -11.31 0.24 -2.51
CA LEU A 247 -11.62 0.38 -1.09
C LEU A 247 -10.47 -0.22 -0.28
N LYS A 248 -9.82 0.61 0.54
CA LYS A 248 -8.62 0.18 1.25
C LYS A 248 -8.96 -0.04 2.72
N GLY A 249 -8.66 -1.24 3.23
CA GLY A 249 -8.95 -1.60 4.60
C GLY A 249 -10.01 -2.64 4.74
N ILE A 250 -10.31 -3.40 3.69
CA ILE A 250 -11.28 -4.51 3.72
C ILE A 250 -10.61 -5.74 4.31
N LEU A 251 -11.28 -6.40 5.28
CA LEU A 251 -10.76 -7.67 5.80
C LEU A 251 -11.82 -8.77 5.80
N ALA A 252 -13.11 -8.42 5.91
CA ALA A 252 -14.15 -9.46 5.94
C ALA A 252 -14.52 -9.89 4.52
N VAL A 253 -14.65 -11.21 4.31
CA VAL A 253 -15.02 -11.74 3.01
C VAL A 253 -16.30 -11.08 2.49
N GLU A 254 -17.32 -10.94 3.35
CA GLU A 254 -18.55 -10.34 2.83
C GLU A 254 -18.41 -8.86 2.48
N ASP A 255 -17.47 -8.13 3.14
CA ASP A 255 -17.21 -6.77 2.70
C ASP A 255 -16.50 -6.74 1.34
N ALA A 256 -15.65 -7.73 1.06
CA ALA A 256 -15.03 -7.79 -0.26
C ALA A 256 -16.09 -8.06 -1.33
N ARG A 257 -17.02 -8.99 -1.04
CA ARG A 257 -18.09 -9.24 -2.01
C ARG A 257 -18.94 -8.00 -2.19
N ARG A 258 -19.29 -7.33 -1.08
CA ARG A 258 -20.11 -6.12 -1.20
C ARG A 258 -19.36 -5.04 -1.96
N ALA A 259 -18.03 -4.96 -1.79
CA ALA A 259 -17.28 -3.98 -2.56
C ALA A 259 -17.44 -4.21 -4.06
N VAL A 260 -17.37 -5.46 -4.52
CA VAL A 260 -17.58 -5.71 -5.95
C VAL A 260 -18.99 -5.28 -6.36
N ASP A 261 -20.00 -5.71 -5.57
CA ASP A 261 -21.40 -5.34 -5.85
C ASP A 261 -21.59 -3.84 -5.92
N ALA A 262 -20.84 -3.09 -5.11
CA ALA A 262 -20.90 -1.65 -5.06
C ALA A 262 -20.19 -0.97 -6.21
N GLY A 263 -19.50 -1.71 -7.07
CA GLY A 263 -18.87 -1.12 -8.24
C GLY A 263 -17.44 -0.72 -8.01
N ALA A 264 -16.83 -1.15 -6.91
CA ALA A 264 -15.40 -0.92 -6.75
C ALA A 264 -14.60 -1.57 -7.85
N GLY A 265 -13.57 -0.85 -8.29
CA GLY A 265 -12.62 -1.44 -9.21
C GLY A 265 -11.54 -2.26 -8.54
N GLY A 266 -11.40 -2.10 -7.23
CA GLY A 266 -10.41 -2.88 -6.51
C GLY A 266 -10.65 -2.73 -5.03
N ILE A 267 -9.92 -3.57 -4.26
CA ILE A 267 -9.88 -3.44 -2.80
C ILE A 267 -8.43 -3.62 -2.39
N VAL A 268 -8.08 -3.05 -1.22
CA VAL A 268 -6.82 -3.37 -0.56
C VAL A 268 -7.15 -4.08 0.74
N VAL A 269 -6.79 -5.36 0.80
CA VAL A 269 -6.99 -6.20 1.96
C VAL A 269 -5.89 -5.80 2.96
N SER A 270 -6.29 -5.23 4.09
CA SER A 270 -5.37 -4.45 4.89
C SER A 270 -5.92 -4.24 6.28
N ASN A 271 -5.05 -4.25 7.29
CA ASN A 271 -5.40 -3.80 8.62
C ASN A 271 -4.70 -2.48 8.94
N HIS A 272 -4.38 -1.74 7.89
CA HIS A 272 -3.80 -0.39 8.03
C HIS A 272 -2.44 -0.46 8.73
N GLY A 273 -1.65 -1.48 8.39
CA GLY A 273 -0.34 -1.60 9.02
C GLY A 273 -0.38 -1.74 10.53
N GLY A 274 -1.47 -2.31 11.06
CA GLY A 274 -1.58 -2.48 12.50
C GLY A 274 -1.87 -1.22 13.27
N ARG A 275 -2.28 -0.16 12.58
CA ARG A 275 -2.47 1.16 13.20
C ARG A 275 -3.90 1.50 13.58
N GLN A 276 -4.88 0.63 13.24
CA GLN A 276 -6.28 0.95 13.46
C GLN A 276 -6.80 0.00 14.52
N LEU A 277 -7.57 -1.04 14.17
CA LEU A 277 -8.03 -1.95 15.25
C LEU A 277 -6.86 -2.83 15.67
N ASP A 278 -6.52 -2.77 16.98
CA ASP A 278 -5.50 -3.63 17.52
C ASP A 278 -6.13 -5.00 17.76
N GLY A 279 -5.60 -6.02 17.10
CA GLY A 279 -6.24 -7.33 17.09
C GLY A 279 -6.98 -7.62 15.81
N ALA A 280 -7.01 -6.68 14.86
CA ALA A 280 -7.50 -7.02 13.53
C ALA A 280 -6.59 -8.04 12.88
N VAL A 281 -7.22 -9.01 12.23
CA VAL A 281 -6.49 -10.04 11.47
C VAL A 281 -5.56 -9.40 10.43
N PRO A 282 -4.40 -9.96 10.16
CA PRO A 282 -3.60 -9.47 9.00
C PRO A 282 -4.33 -9.69 7.68
N GLY A 283 -4.22 -8.71 6.76
CA GLY A 283 -4.76 -8.88 5.42
C GLY A 283 -4.28 -10.17 4.74
N ILE A 284 -2.98 -10.48 4.90
CA ILE A 284 -2.46 -11.66 4.23
CA ILE A 284 -2.42 -11.67 4.26
C ILE A 284 -3.16 -12.94 4.66
N GLU A 285 -3.73 -12.97 5.90
CA GLU A 285 -4.44 -14.17 6.35
C GLU A 285 -5.85 -14.25 5.78
N MET A 286 -6.42 -13.14 5.31
CA MET A 286 -7.74 -13.15 4.66
C MET A 286 -7.68 -13.18 3.14
N LEU A 287 -6.48 -12.95 2.57
CA LEU A 287 -6.36 -12.70 1.15
C LEU A 287 -6.88 -13.86 0.31
N GLY A 288 -6.48 -15.10 0.64
CA GLY A 288 -6.88 -16.21 -0.21
C GLY A 288 -8.39 -16.40 -0.24
N GLU A 289 -9.03 -16.31 0.94
N GLU A 289 -9.03 -16.27 0.93
CA GLU A 289 -10.48 -16.42 1.00
CA GLU A 289 -10.48 -16.42 0.98
C GLU A 289 -11.15 -15.30 0.20
C GLU A 289 -11.19 -15.29 0.26
N ILE A 290 -10.64 -14.08 0.33
CA ILE A 290 -11.22 -12.94 -0.38
C ILE A 290 -11.05 -13.09 -1.89
N VAL A 291 -9.87 -13.54 -2.34
CA VAL A 291 -9.67 -13.72 -3.79
C VAL A 291 -10.64 -14.75 -4.35
N ALA A 292 -10.86 -15.84 -3.60
CA ALA A 292 -11.83 -16.82 -4.04
C ALA A 292 -13.24 -16.26 -4.09
N ALA A 293 -13.63 -15.44 -3.11
CA ALA A 293 -14.99 -14.91 -3.07
C ALA A 293 -15.25 -13.84 -4.14
N VAL A 294 -14.25 -13.04 -4.53
N VAL A 294 -14.19 -13.11 -4.53
CA VAL A 294 -14.58 -12.07 -5.55
CA VAL A 294 -14.31 -11.99 -5.47
C VAL A 294 -14.44 -12.67 -6.95
C VAL A 294 -14.47 -12.51 -6.91
N SER A 295 -13.65 -13.73 -7.08
N SER A 295 -13.99 -13.72 -7.18
CA SER A 295 -13.66 -14.53 -8.32
CA SER A 295 -14.09 -14.36 -8.50
C SER A 295 -13.50 -13.64 -9.56
C SER A 295 -13.68 -13.43 -9.64
N GLY A 296 -12.53 -12.76 -9.49
CA GLY A 296 -12.12 -11.88 -10.58
C GLY A 296 -12.95 -10.61 -10.75
N GLY A 297 -13.89 -10.32 -9.84
CA GLY A 297 -14.77 -9.19 -10.03
C GLY A 297 -14.13 -7.83 -9.78
N CYS A 298 -12.97 -7.78 -9.11
CA CYS A 298 -12.20 -6.54 -8.95
C CYS A 298 -10.74 -6.93 -8.69
N GLU A 299 -9.85 -5.94 -8.78
CA GLU A 299 -8.46 -6.19 -8.39
C GLU A 299 -8.40 -6.36 -6.89
N VAL A 300 -7.57 -7.29 -6.41
CA VAL A 300 -7.44 -7.53 -4.96
C VAL A 300 -5.99 -7.28 -4.60
N LEU A 301 -5.71 -6.15 -3.97
CA LEU A 301 -4.38 -5.83 -3.48
C LEU A 301 -4.30 -6.22 -2.01
N VAL A 302 -3.09 -6.27 -1.48
CA VAL A 302 -2.88 -6.52 -0.06
C VAL A 302 -1.74 -5.62 0.43
N ASP A 303 -1.75 -5.28 1.71
CA ASP A 303 -0.57 -4.64 2.28
C ASP A 303 -0.39 -5.09 3.72
N GLY A 304 0.68 -4.59 4.32
CA GLY A 304 1.01 -4.87 5.70
C GLY A 304 2.21 -5.78 5.80
N GLY A 305 3.35 -5.22 6.17
CA GLY A 305 4.53 -6.05 6.42
C GLY A 305 5.33 -6.52 5.22
N ILE A 306 5.06 -6.05 4.00
CA ILE A 306 5.90 -6.46 2.86
C ILE A 306 7.30 -5.88 3.06
N ARG A 307 8.32 -6.77 3.17
CA ARG A 307 9.69 -6.32 3.48
C ARG A 307 10.70 -6.91 2.52
N SER A 308 10.25 -7.50 1.42
CA SER A 308 11.17 -8.09 0.48
C SER A 308 10.43 -8.48 -0.78
N GLY A 309 11.20 -8.73 -1.85
CA GLY A 309 10.60 -9.33 -3.02
C GLY A 309 10.01 -10.71 -2.79
N GLY A 310 10.62 -11.52 -1.90
CA GLY A 310 10.00 -12.78 -1.53
C GLY A 310 8.64 -12.59 -0.89
N ASP A 311 8.48 -11.53 -0.10
CA ASP A 311 7.15 -11.26 0.48
C ASP A 311 6.16 -10.89 -0.62
N VAL A 312 6.63 -10.13 -1.62
CA VAL A 312 5.77 -9.85 -2.78
C VAL A 312 5.35 -11.15 -3.45
N LEU A 313 6.31 -12.06 -3.62
CA LEU A 313 5.97 -13.35 -4.23
C LEU A 313 4.94 -14.08 -3.41
N LYS A 314 5.12 -14.10 -2.09
CA LYS A 314 4.12 -14.78 -1.24
C LYS A 314 2.74 -14.19 -1.43
N ALA A 315 2.63 -12.85 -1.40
CA ALA A 315 1.34 -12.20 -1.57
C ALA A 315 0.74 -12.58 -2.91
N THR A 316 1.57 -12.57 -3.99
CA THR A 316 1.08 -12.95 -5.31
CA THR A 316 0.99 -12.92 -5.28
C THR A 316 0.58 -14.38 -5.32
N ALA A 317 1.37 -15.30 -4.70
CA ALA A 317 1.00 -16.72 -4.67
C ALA A 317 -0.30 -16.92 -3.90
N LEU A 318 -0.58 -16.06 -2.94
CA LEU A 318 -1.85 -16.15 -2.22
C LEU A 318 -2.99 -15.49 -3.00
N GLY A 319 -2.69 -14.84 -4.12
CA GLY A 319 -3.71 -14.37 -5.04
C GLY A 319 -3.75 -12.87 -5.25
N ALA A 320 -2.89 -12.08 -4.61
CA ALA A 320 -2.94 -10.63 -4.80
C ALA A 320 -2.58 -10.21 -6.22
N SER A 321 -3.29 -9.20 -6.68
CA SER A 321 -2.99 -8.52 -7.94
C SER A 321 -1.68 -7.73 -7.81
N ALA A 322 -1.47 -7.14 -6.64
CA ALA A 322 -0.33 -6.27 -6.34
C ALA A 322 -0.34 -6.00 -4.85
N VAL A 323 0.75 -5.45 -4.37
CA VAL A 323 0.89 -5.11 -2.96
C VAL A 323 1.06 -3.61 -2.84
N LEU A 324 0.76 -3.09 -1.66
CA LEU A 324 1.27 -1.76 -1.28
C LEU A 324 2.41 -1.90 -0.27
N VAL A 325 3.35 -0.96 -0.32
CA VAL A 325 4.49 -0.93 0.59
C VAL A 325 4.52 0.46 1.26
N GLY A 326 4.53 0.48 2.59
CA GLY A 326 4.43 1.72 3.37
C GLY A 326 5.72 2.07 4.05
N ARG A 327 5.90 1.57 5.26
CA ARG A 327 7.07 1.97 6.06
C ARG A 327 8.40 1.89 5.34
N PRO A 328 8.74 0.84 4.58
CA PRO A 328 10.07 0.79 3.94
C PRO A 328 10.32 1.95 3.03
N VAL A 329 9.29 2.45 2.36
CA VAL A 329 9.49 3.59 1.47
C VAL A 329 9.89 4.81 2.27
N MET A 330 9.29 5.00 3.43
CA MET A 330 9.66 6.12 4.29
C MET A 330 11.03 5.94 4.89
N TRP A 331 11.44 4.69 5.19
CA TRP A 331 12.80 4.47 5.65
C TRP A 331 13.79 4.98 4.63
N ALA A 332 13.56 4.66 3.36
CA ALA A 332 14.47 5.02 2.28
C ALA A 332 14.47 6.54 2.11
N LEU A 333 13.27 7.15 2.18
CA LEU A 333 13.16 8.61 2.14
C LEU A 333 13.95 9.26 3.27
N ALA A 334 13.77 8.77 4.49
CA ALA A 334 14.50 9.30 5.64
C ALA A 334 16.00 9.16 5.44
N ALA A 335 16.43 7.97 4.95
CA ALA A 335 17.86 7.69 4.94
C ALA A 335 18.58 8.51 3.88
N ALA A 336 17.93 8.71 2.71
CA ALA A 336 18.67 9.30 1.58
C ALA A 336 17.78 9.99 0.56
N GLY A 337 16.60 10.45 0.94
CA GLY A 337 15.78 11.25 0.06
C GLY A 337 15.34 10.52 -1.20
N GLN A 338 15.23 11.26 -2.29
CA GLN A 338 14.81 10.66 -3.56
C GLN A 338 15.72 9.50 -3.95
N ASP A 339 17.03 9.69 -3.86
CA ASP A 339 17.96 8.63 -4.25
CA ASP A 339 17.93 8.63 -4.28
C ASP A 339 17.78 7.40 -3.38
N GLY A 340 17.47 7.61 -2.09
CA GLY A 340 17.19 6.47 -1.21
C GLY A 340 15.99 5.68 -1.70
N VAL A 341 14.91 6.39 -2.05
CA VAL A 341 13.73 5.69 -2.53
C VAL A 341 14.03 4.99 -3.83
N ARG A 342 14.79 5.62 -4.74
CA ARG A 342 15.19 4.94 -5.96
C ARG A 342 15.92 3.64 -5.66
N GLN A 343 16.87 3.68 -4.74
CA GLN A 343 17.64 2.48 -4.41
C GLN A 343 16.73 1.41 -3.83
N LEU A 344 15.80 1.81 -2.96
CA LEU A 344 14.85 0.84 -2.43
C LEU A 344 14.08 0.16 -3.54
N LEU A 345 13.54 0.95 -4.48
CA LEU A 345 12.71 0.35 -5.51
C LEU A 345 13.53 -0.50 -6.46
N GLU A 346 14.80 -0.13 -6.72
CA GLU A 346 15.66 -1.01 -7.52
C GLU A 346 15.94 -2.32 -6.80
N LEU A 347 16.18 -2.25 -5.50
CA LEU A 347 16.41 -3.46 -4.70
C LEU A 347 15.16 -4.34 -4.71
N LEU A 348 13.99 -3.74 -4.46
CA LEU A 348 12.76 -4.53 -4.51
C LEU A 348 12.53 -5.13 -5.89
N ALA A 349 12.79 -4.38 -6.97
CA ALA A 349 12.64 -4.95 -8.28
C ALA A 349 13.56 -6.15 -8.48
N GLU A 350 14.81 -6.05 -8.04
CA GLU A 350 15.70 -7.18 -8.18
C GLU A 350 15.22 -8.37 -7.34
N GLU A 351 14.77 -8.10 -6.11
CA GLU A 351 14.31 -9.22 -5.28
C GLU A 351 13.08 -9.87 -5.88
N VAL A 352 12.17 -9.07 -6.48
CA VAL A 352 10.96 -9.67 -7.05
C VAL A 352 11.33 -10.53 -8.24
N ARG A 353 12.20 -10.00 -9.14
CA ARG A 353 12.62 -10.79 -10.28
C ARG A 353 13.33 -12.08 -9.84
N ASP A 354 14.23 -11.96 -8.85
CA ASP A 354 14.94 -13.14 -8.33
C ASP A 354 13.96 -14.18 -7.80
N ALA A 355 13.02 -13.76 -6.95
CA ALA A 355 12.10 -14.72 -6.34
C ALA A 355 11.20 -15.37 -7.38
N MET A 356 10.70 -14.56 -8.34
CA MET A 356 9.84 -15.11 -9.39
C MET A 356 10.58 -16.17 -10.20
N GLY A 357 11.81 -15.88 -10.63
CA GLY A 357 12.51 -16.83 -11.46
C GLY A 357 12.90 -18.07 -10.71
N LEU A 358 13.40 -17.90 -9.47
CA LEU A 358 13.70 -19.07 -8.65
C LEU A 358 12.46 -19.93 -8.45
N ALA A 359 11.27 -19.31 -8.44
CA ALA A 359 10.03 -20.08 -8.28
C ALA A 359 9.42 -20.53 -9.60
N GLY A 360 10.13 -20.34 -10.73
CA GLY A 360 9.68 -20.86 -12.01
C GLY A 360 8.62 -20.01 -12.66
N CYS A 361 8.60 -18.71 -12.36
CA CYS A 361 7.51 -17.87 -12.86
C CYS A 361 8.03 -16.79 -13.80
N GLU A 362 7.62 -16.87 -15.07
CA GLU A 362 8.04 -15.89 -16.07
C GLU A 362 7.19 -14.63 -16.00
N SER A 363 6.04 -14.69 -15.32
CA SER A 363 5.12 -13.58 -15.24
C SER A 363 4.46 -13.57 -13.87
N VAL A 364 3.91 -12.42 -13.49
CA VAL A 364 3.17 -12.33 -12.24
C VAL A 364 1.94 -13.26 -12.27
N GLY A 365 1.30 -13.43 -13.42
CA GLY A 365 0.18 -14.38 -13.47
C GLY A 365 0.61 -15.78 -13.09
N ALA A 366 1.78 -16.22 -13.57
CA ALA A 366 2.28 -17.52 -13.15
C ALA A 366 2.52 -17.57 -11.65
N ALA A 367 3.01 -16.48 -11.07
CA ALA A 367 3.23 -16.49 -9.63
C ALA A 367 1.92 -16.64 -8.86
N ARG A 368 0.83 -16.06 -9.38
CA ARG A 368 -0.44 -16.21 -8.71
C ARG A 368 -0.93 -17.65 -8.71
N ARG A 369 -0.42 -18.49 -9.63
CA ARG A 369 -0.79 -19.90 -9.68
C ARG A 369 0.12 -20.78 -8.82
N LEU A 370 1.16 -20.23 -8.20
CA LEU A 370 1.93 -20.99 -7.23
C LEU A 370 1.09 -21.44 -6.05
N ASN A 371 1.44 -22.60 -5.51
CA ASN A 371 0.89 -23.04 -4.24
C ASN A 371 1.83 -22.70 -3.10
N THR A 372 1.24 -22.72 -1.89
CA THR A 372 1.94 -22.35 -0.68
C THR A 372 1.65 -23.37 0.41
N LYS A 373 2.48 -23.33 1.46
CA LYS A 373 2.32 -24.23 2.59
CA LYS A 373 2.29 -24.23 2.60
C LYS A 373 2.63 -23.44 3.84
N LEU A 374 1.78 -23.50 4.86
CA LEU A 374 2.12 -22.82 6.11
C LEU A 374 3.11 -23.63 6.96
N GLY A 375 4.06 -22.91 7.56
CA GLY A 375 5.11 -23.53 8.37
C GLY A 375 5.00 -23.05 9.79
N VAL A 376 6.02 -23.31 10.60
CA VAL A 376 6.13 -22.74 11.94
C VAL A 376 7.47 -22.01 12.01
N VAL A 377 7.48 -20.88 12.71
CA VAL A 377 8.67 -20.04 12.81
C VAL A 377 8.93 -19.66 14.27
#